data_1I3J
#
_entry.id   1I3J
#
_cell.length_a   55.140
_cell.length_b   65.210
_cell.length_c   43.670
_cell.angle_alpha   90.00
_cell.angle_beta   93.10
_cell.angle_gamma   90.00
#
_symmetry.space_group_name_H-M   'P 1 21 1'
#
loop_
_entity.id
_entity.type
_entity.pdbx_description
1 polymer "5'-D(*TP*TP*CP*TP*TP*GP*GP*GP*TP*CP*TP*AP*CP*CP*GP*TP*TP*TP*AP*AP*T)-3'"
2 polymer "5'-D(*AP*AP*TP*TP*AP*AP*AP*CP*GP*GP*TP*AP*GP*AP*CP*CP*CP*AP*AP*GP*A)-3'"
3 polymer 'INTRON-ASSOCIATED ENDONUCLEASE 1'
4 non-polymer 'ZINC ION'
5 water water
#
loop_
_entity_poly.entity_id
_entity_poly.type
_entity_poly.pdbx_seq_one_letter_code
_entity_poly.pdbx_strand_id
1 'polydeoxyribonucleotide'
;(DT)(DT)(DC)(DT)(DT)(DG)(DG)(DG)(DT)(DC)(DT)(DA)(DC)(DC)(DG)(DT)(DT)(DT)(DA)(DA)
(DT)
;
B
2 'polydeoxyribonucleotide'
;(DA)(DA)(DT)(DT)(DA)(DA)(DA)(DC)(DG)(DG)(DT)(DA)(DG)(DA)(DC)(DC)(DC)(DA)(DA)(DG)
(DA)
;
C
3 'polypeptide(L)'
;KALYSKPGSKNGRWNPETHKFCKCGVRIQTSAYTCSKCRNRSGENNSFFNHKHSDITKSKISEKMKGKKPSNIKKISCDG
VIFDCAADAARHFKISSGLVTYRVKSDKWNWFYINA
;
A
#
loop_
_chem_comp.id
_chem_comp.type
_chem_comp.name
_chem_comp.formula
DA DNA linking 2'-DEOXYADENOSINE-5'-MONOPHOSPHATE 'C10 H14 N5 O6 P'
DC DNA linking 2'-DEOXYCYTIDINE-5'-MONOPHOSPHATE 'C9 H14 N3 O7 P'
DG DNA linking 2'-DEOXYGUANOSINE-5'-MONOPHOSPHATE 'C10 H14 N5 O7 P'
DT DNA linking THYMIDINE-5'-MONOPHOSPHATE 'C10 H15 N2 O8 P'
ZN non-polymer 'ZINC ION' 'Zn 2'
#
# COMPACT_ATOMS: atom_id res chain seq x y z
N LYS C 20 34.10 7.58 -21.18
CA LYS C 20 32.72 7.91 -21.64
C LYS C 20 31.98 8.75 -20.60
N PHE C 21 31.16 9.68 -21.06
CA PHE C 21 30.39 10.50 -20.13
C PHE C 21 28.89 10.36 -20.32
N CYS C 22 28.17 10.37 -19.21
CA CYS C 22 26.73 10.29 -19.23
C CYS C 22 26.24 11.70 -19.58
N LYS C 23 25.00 11.80 -20.06
CA LYS C 23 24.41 13.09 -20.41
C LYS C 23 24.49 14.05 -19.22
N CYS C 24 24.43 13.51 -17.99
CA CYS C 24 24.47 14.32 -16.77
C CYS C 24 25.85 14.87 -16.47
N GLY C 25 26.88 14.28 -17.08
CA GLY C 25 28.22 14.76 -16.82
C GLY C 25 29.21 13.81 -16.17
N VAL C 26 28.75 12.78 -15.45
CA VAL C 26 29.68 11.84 -14.82
C VAL C 26 30.28 10.85 -15.81
N ARG C 27 31.37 10.19 -15.40
CA ARG C 27 31.99 9.19 -16.24
C ARG C 27 31.23 7.87 -16.10
N ILE C 28 31.20 7.09 -17.17
CA ILE C 28 30.53 5.79 -17.19
C ILE C 28 31.36 4.88 -18.10
N GLN C 29 31.18 3.57 -17.97
CA GLN C 29 31.90 2.61 -18.82
C GLN C 29 31.40 2.83 -20.26
N THR C 30 32.26 2.52 -21.24
CA THR C 30 31.87 2.70 -22.63
C THR C 30 30.73 1.76 -23.03
N SER C 31 30.48 0.74 -22.21
CA SER C 31 29.43 -0.23 -22.48
C SER C 31 28.06 0.24 -21.96
N ALA C 32 28.07 1.30 -21.17
CA ALA C 32 26.83 1.84 -20.62
C ALA C 32 26.26 2.96 -21.48
N TYR C 33 24.95 3.15 -21.40
CA TYR C 33 24.27 4.21 -22.16
C TYR C 33 24.11 5.45 -21.29
N THR C 34 24.03 5.26 -19.98
CA THR C 34 23.90 6.36 -19.02
C THR C 34 24.43 5.89 -17.67
N CYS C 35 24.44 6.79 -16.71
CA CYS C 35 24.89 6.42 -15.38
C CYS C 35 23.65 5.75 -14.80
N SER C 36 23.81 5.06 -13.68
CA SER C 36 22.68 4.39 -13.06
C SER C 36 21.54 5.35 -12.69
N LYS C 37 21.89 6.52 -12.19
CA LYS C 37 20.88 7.49 -11.79
C LYS C 37 20.04 8.01 -12.95
N CYS C 38 20.67 8.21 -14.10
CA CYS C 38 19.98 8.74 -15.29
C CYS C 38 19.22 7.74 -16.16
N ARG C 39 19.33 6.44 -15.87
CA ARG C 39 18.63 5.43 -16.66
C ARG C 39 17.11 5.64 -16.59
N ASN C 40 16.45 5.60 -17.72
CA ASN C 40 15.00 5.77 -17.74
C ASN C 40 14.31 4.41 -17.53
N ARG C 41 13.49 4.31 -16.51
CA ARG C 41 12.78 3.07 -16.18
C ARG C 41 11.28 3.29 -15.99
N SER C 42 10.79 4.46 -16.37
CA SER C 42 9.37 4.73 -16.17
C SER C 42 8.55 4.39 -17.39
N GLY C 43 7.27 4.10 -17.18
CA GLY C 43 6.42 3.76 -18.29
C GLY C 43 7.02 2.72 -19.22
N GLU C 44 6.95 2.98 -20.53
CA GLU C 44 7.44 2.07 -21.53
C GLU C 44 8.91 1.71 -21.45
N ASN C 45 9.70 2.43 -20.66
CA ASN C 45 11.12 2.12 -20.57
C ASN C 45 11.46 1.07 -19.50
N ASN C 46 10.49 0.72 -18.65
CA ASN C 46 10.74 -0.27 -17.60
C ASN C 46 11.04 -1.63 -18.21
N SER C 47 11.87 -2.40 -17.54
CA SER C 47 12.25 -3.73 -17.98
C SER C 47 11.11 -4.73 -17.87
N PHE C 48 10.09 -4.39 -17.09
CA PHE C 48 8.95 -5.30 -16.94
C PHE C 48 7.68 -4.72 -17.55
N PHE C 49 7.82 -3.60 -18.24
CA PHE C 49 6.68 -2.94 -18.87
C PHE C 49 5.94 -3.86 -19.84
N ASN C 50 4.61 -3.88 -19.75
CA ASN C 50 3.75 -4.72 -20.60
C ASN C 50 3.95 -6.23 -20.44
N HIS C 51 4.59 -6.66 -19.35
CA HIS C 51 4.75 -8.10 -19.10
C HIS C 51 3.56 -8.46 -18.22
N LYS C 52 3.30 -9.76 -18.09
CA LYS C 52 2.21 -10.25 -17.25
C LYS C 52 2.82 -11.26 -16.27
N HIS C 53 2.34 -11.26 -15.04
CA HIS C 53 2.83 -12.21 -14.06
C HIS C 53 2.07 -13.53 -14.25
N SER C 54 2.75 -14.65 -14.10
CA SER C 54 2.13 -15.96 -14.24
C SER C 54 1.19 -16.20 -13.07
N ASP C 55 0.34 -17.20 -13.19
CA ASP C 55 -0.56 -17.55 -12.11
C ASP C 55 0.31 -18.00 -10.95
N ILE C 56 1.46 -18.59 -11.26
CA ILE C 56 2.36 -19.05 -10.20
C ILE C 56 2.92 -17.88 -9.36
N THR C 57 3.29 -16.80 -10.03
CA THR C 57 3.84 -15.66 -9.31
C THR C 57 2.75 -15.03 -8.44
N LYS C 58 1.57 -14.87 -9.02
CA LYS C 58 0.46 -14.28 -8.29
C LYS C 58 0.15 -15.05 -7.02
N SER C 59 0.33 -16.38 -7.08
CA SER C 59 0.08 -17.20 -5.91
C SER C 59 1.14 -17.01 -4.86
N LYS C 60 2.38 -16.86 -5.29
CA LYS C 60 3.46 -16.66 -4.33
C LYS C 60 3.24 -15.33 -3.60
N ILE C 61 2.77 -14.32 -4.33
CA ILE C 61 2.53 -13.02 -3.73
C ILE C 61 1.35 -13.12 -2.78
N SER C 62 0.33 -13.86 -3.21
CA SER C 62 -0.87 -14.06 -2.41
C SER C 62 -0.63 -14.68 -1.04
N GLU C 63 0.22 -15.68 -1.00
CA GLU C 63 0.51 -16.37 0.25
C GLU C 63 1.31 -15.53 1.23
N LYS C 64 2.28 -14.77 0.72
CA LYS C 64 3.08 -13.94 1.59
C LYS C 64 2.33 -12.72 2.11
N MET C 65 1.25 -12.34 1.42
CA MET C 65 0.46 -11.19 1.84
C MET C 65 -0.71 -11.56 2.75
N LYS C 66 -1.19 -12.79 2.67
CA LYS C 66 -2.32 -13.22 3.48
C LYS C 66 -2.06 -12.92 4.95
N GLY C 67 -3.01 -12.26 5.59
CA GLY C 67 -2.87 -11.93 7.00
C GLY C 67 -2.14 -10.65 7.31
N LYS C 68 -1.65 -9.96 6.29
CA LYS C 68 -0.94 -8.70 6.53
C LYS C 68 -1.89 -7.52 6.51
N LYS C 69 -1.82 -6.69 7.53
CA LYS C 69 -2.65 -5.49 7.59
C LYS C 69 -1.82 -4.38 6.95
N PRO C 70 -2.47 -3.48 6.19
CA PRO C 70 -1.74 -2.39 5.54
C PRO C 70 -1.43 -1.23 6.47
N SER C 71 -0.58 -0.35 5.97
CA SER C 71 -0.14 0.83 6.70
C SER C 71 -1.20 1.93 6.85
N ASN C 72 -2.28 1.85 6.09
CA ASN C 72 -3.32 2.86 6.19
C ASN C 72 -4.45 2.53 7.18
N ILE C 73 -4.20 1.66 8.15
CA ILE C 73 -5.23 1.31 9.13
C ILE C 73 -5.37 2.45 10.12
N LYS C 74 -6.55 2.60 10.71
CA LYS C 74 -6.78 3.65 11.70
C LYS C 74 -7.18 3.10 13.05
N LYS C 75 -6.40 3.37 14.09
CA LYS C 75 -6.80 2.89 15.42
C LYS C 75 -8.10 3.60 15.74
N ILE C 76 -8.99 2.90 16.42
CA ILE C 76 -10.27 3.48 16.75
C ILE C 76 -10.76 3.13 18.15
N SER C 77 -11.50 4.07 18.74
CA SER C 77 -12.10 3.86 20.04
C SER C 77 -13.62 3.88 19.86
N CYS C 78 -14.26 2.76 20.16
CA CYS C 78 -15.71 2.68 20.09
C CYS C 78 -16.21 2.95 21.52
N ASP C 79 -16.34 4.23 21.83
CA ASP C 79 -16.79 4.70 23.15
C ASP C 79 -16.04 4.03 24.29
N GLY C 80 -14.74 3.79 24.11
CA GLY C 80 -13.98 3.18 25.18
C GLY C 80 -13.37 1.84 24.81
N VAL C 81 -14.01 1.09 23.91
CA VAL C 81 -13.49 -0.21 23.48
C VAL C 81 -12.66 0.05 22.22
N ILE C 82 -11.36 -0.19 22.34
CA ILE C 82 -10.44 0.08 21.27
C ILE C 82 -10.06 -1.08 20.37
N PHE C 83 -9.72 -0.72 19.13
CA PHE C 83 -9.34 -1.65 18.08
C PHE C 83 -8.15 -1.13 17.27
N ASP C 84 -7.35 -2.04 16.71
CA ASP C 84 -6.20 -1.64 15.89
C ASP C 84 -6.63 -1.00 14.57
N CYS C 85 -7.85 -1.32 14.13
CA CYS C 85 -8.36 -0.78 12.87
C CYS C 85 -9.87 -0.83 12.87
N ALA C 86 -10.45 -0.07 11.97
CA ALA C 86 -11.90 -0.01 11.85
C ALA C 86 -12.47 -1.36 11.45
N ALA C 87 -11.72 -2.12 10.65
CA ALA C 87 -12.20 -3.44 10.22
C ALA C 87 -12.33 -4.42 11.40
N ASP C 88 -11.43 -4.35 12.38
CA ASP C 88 -11.55 -5.22 13.55
C ASP C 88 -12.81 -4.80 14.33
N ALA C 89 -13.04 -3.50 14.42
CA ALA C 89 -14.22 -3.02 15.11
C ALA C 89 -15.47 -3.52 14.38
N ALA C 90 -15.44 -3.47 13.04
CA ALA C 90 -16.57 -3.95 12.23
C ALA C 90 -16.81 -5.41 12.53
N ARG C 91 -15.73 -6.21 12.53
CA ARG C 91 -15.85 -7.63 12.81
C ARG C 91 -16.34 -7.96 14.22
N HIS C 92 -15.99 -7.14 15.21
CA HIS C 92 -16.42 -7.39 16.59
C HIS C 92 -17.90 -7.05 16.75
N PHE C 93 -18.33 -5.91 16.24
CA PHE C 93 -19.73 -5.51 16.33
C PHE C 93 -20.60 -6.23 15.30
N LYS C 94 -19.97 -6.87 14.32
CA LYS C 94 -20.68 -7.57 13.25
C LYS C 94 -21.50 -6.59 12.41
N ILE C 95 -20.82 -5.58 11.90
CA ILE C 95 -21.45 -4.57 11.07
C ILE C 95 -20.49 -4.40 9.92
N SER C 96 -20.89 -3.62 8.92
CA SER C 96 -20.06 -3.38 7.75
C SER C 96 -19.09 -2.24 8.03
N SER C 97 -17.96 -2.23 7.32
CA SER C 97 -16.98 -1.17 7.50
C SER C 97 -17.59 0.19 7.23
N GLY C 98 -18.52 0.24 6.28
CA GLY C 98 -19.18 1.49 5.95
C GLY C 98 -19.91 2.06 7.15
N LEU C 99 -20.54 1.18 7.94
CA LEU C 99 -21.26 1.61 9.11
C LEU C 99 -20.31 2.17 10.19
N VAL C 100 -19.08 1.67 10.24
CA VAL C 100 -18.13 2.15 11.23
C VAL C 100 -17.85 3.63 10.96
N THR C 101 -17.63 3.93 9.68
CA THR C 101 -17.35 5.29 9.25
C THR C 101 -18.55 6.15 9.58
N TYR C 102 -19.73 5.62 9.30
CA TYR C 102 -20.97 6.33 9.58
C TYR C 102 -21.10 6.70 11.07
N ARG C 103 -20.77 5.77 11.96
CA ARG C 103 -20.91 6.05 13.38
C ARG C 103 -19.85 7.01 13.88
N VAL C 104 -18.68 6.96 13.27
CA VAL C 104 -17.60 7.85 13.64
C VAL C 104 -17.99 9.29 13.33
N LYS C 105 -18.72 9.48 12.24
CA LYS C 105 -19.14 10.82 11.86
C LYS C 105 -20.42 11.27 12.58
N SER C 106 -21.19 10.30 13.08
CA SER C 106 -22.43 10.60 13.77
C SER C 106 -22.31 11.27 15.14
N ASP C 107 -23.22 12.22 15.38
CA ASP C 107 -23.30 12.96 16.65
C ASP C 107 -24.01 12.08 17.69
N LYS C 108 -24.51 10.93 17.26
CA LYS C 108 -25.23 10.02 18.16
C LYS C 108 -24.36 8.90 18.71
N TRP C 109 -23.10 8.86 18.30
CA TRP C 109 -22.17 7.84 18.78
C TRP C 109 -20.91 8.50 19.26
N ASN C 110 -20.18 7.83 20.13
CA ASN C 110 -18.94 8.36 20.60
C ASN C 110 -17.83 7.44 20.12
N TRP C 111 -17.70 7.37 18.80
CA TRP C 111 -16.69 6.55 18.14
C TRP C 111 -15.76 7.54 17.46
N PHE C 112 -14.47 7.41 17.73
CA PHE C 112 -13.50 8.34 17.17
C PHE C 112 -12.17 7.67 16.91
N TYR C 113 -11.48 8.14 15.87
CA TYR C 113 -10.19 7.60 15.52
C TYR C 113 -9.13 8.22 16.45
N ILE C 114 -8.11 7.44 16.75
CA ILE C 114 -7.05 7.92 17.61
C ILE C 114 -5.99 8.65 16.79
N ASN C 115 -5.99 9.98 16.87
CA ASN C 115 -5.05 10.85 16.15
C ASN C 115 -5.64 11.46 14.86
ZN ZN D . 23.88 10.37 -15.59
#